data_1SVK
#
_entry.id   1SVK
#
_cell.length_a   79.473
_cell.length_b   79.473
_cell.length_c   105.209
_cell.angle_alpha   90.00
_cell.angle_beta   90.00
_cell.angle_gamma   120.00
#
_symmetry.space_group_name_H-M   'P 32 2 1'
#
loop_
_entity.id
_entity.type
_entity.pdbx_description
1 polymer 'Guanine nucleotide-binding protein G(i), alpha-1 subunit'
2 non-polymer 'MAGNESIUM ION'
3 non-polymer 'TETRAFLUOROALUMINATE ION'
4 non-polymer "GUANOSINE-5'-DIPHOSPHATE"
5 water water
#
_entity_poly.entity_id   1
_entity_poly.type   'polypeptide(L)'
_entity_poly.pdbx_seq_one_letter_code
;GCTLSAEDKAAVERSKMIDRNLREDGEKAAREVKLLLLGAGESGKSTIVKQMKIIHEAGYSEEECKQYKAVVYSNTIQSI
IAIIRAMGRLKIDFGDAARADDARQLFVLAGAAEEGFMTAELAGVIKRLWKDSGVQACFNRSREYQLNDSAAYYLNDLDR
IAQPNYIPTQQDVLRTRVPTTGIVETHFTFKDLHFKMFDVGGQRSERKKWIHCFEGVTAIIFCVALSDYDLVLAEDEEMN
RMHESMKLFDSICNNKWFTDTSIILFLNKKDLFEEKIKKSPLTICYPEYAGSNTYEEAAAYIQCQFEDLNKRKDTKEIYT
HFTCATDTKNVQFVFDAVTDVIIKNNLKDCGLF
;
_entity_poly.pdbx_strand_id   A
#
loop_
_chem_comp.id
_chem_comp.type
_chem_comp.name
_chem_comp.formula
ALF non-polymer 'TETRAFLUOROALUMINATE ION' 'Al F4 -1'
GDP RNA linking GUANOSINE-5'-DIPHOSPHATE 'C10 H15 N5 O11 P2'
MG non-polymer 'MAGNESIUM ION' 'Mg 2'
#
# COMPACT_ATOMS: atom_id res chain seq x y z
N GLU A 32 24.47 -10.10 11.64
CA GLU A 32 23.07 -9.74 11.97
C GLU A 32 22.77 -8.27 11.68
N VAL A 33 21.66 -8.02 11.00
CA VAL A 33 21.26 -6.67 10.62
C VAL A 33 19.81 -6.41 11.02
N LYS A 34 19.56 -5.25 11.63
CA LYS A 34 18.19 -4.90 12.02
C LYS A 34 17.64 -3.80 11.12
N LEU A 35 16.54 -4.13 10.44
CA LEU A 35 15.87 -3.19 9.55
C LEU A 35 14.53 -2.81 10.13
N LEU A 36 14.23 -1.52 10.14
CA LEU A 36 12.98 -1.00 10.67
C LEU A 36 12.22 -0.25 9.58
N LEU A 37 11.02 -0.75 9.27
CA LEU A 37 10.16 -0.16 8.26
C LEU A 37 9.21 0.84 8.92
N LEU A 38 9.31 2.10 8.51
CA LEU A 38 8.46 3.16 9.04
C LEU A 38 7.71 3.84 7.90
N GLY A 39 6.68 4.60 8.26
CA GLY A 39 5.89 5.30 7.25
C GLY A 39 4.44 5.40 7.68
N ALA A 40 3.72 6.33 7.08
CA ALA A 40 2.31 6.54 7.40
C ALA A 40 1.52 5.30 7.00
N GLY A 41 0.26 5.24 7.44
CA GLY A 41 -0.56 4.10 7.12
C GLY A 41 -0.70 3.86 5.64
N GLU A 42 -0.70 2.59 5.24
CA GLU A 42 -0.87 2.19 3.85
C GLU A 42 0.21 2.62 2.87
N SER A 43 1.41 2.87 3.38
CA SER A 43 2.51 3.30 2.54
C SER A 43 3.19 2.11 1.83
N GLY A 44 2.93 0.89 2.32
CA GLY A 44 3.49 -0.30 1.70
C GLY A 44 4.52 -1.06 2.52
N LYS A 45 4.64 -0.71 3.79
CA LYS A 45 5.61 -1.36 4.68
C LYS A 45 5.47 -2.88 4.74
N SER A 46 4.28 -3.35 5.11
N SER A 46 4.27 -3.34 5.10
CA SER A 46 4.04 -4.79 5.21
CA SER A 46 4.00 -4.77 5.22
C SER A 46 4.23 -5.53 3.90
C SER A 46 4.21 -5.53 3.91
N THR A 47 3.99 -4.85 2.79
CA THR A 47 4.16 -5.48 1.47
C THR A 47 5.65 -5.74 1.19
N ILE A 48 6.50 -4.81 1.59
CA ILE A 48 7.95 -4.99 1.42
C ILE A 48 8.36 -6.23 2.23
N VAL A 49 7.74 -6.39 3.40
CA VAL A 49 8.04 -7.53 4.27
C VAL A 49 7.66 -8.83 3.56
N LYS A 50 6.47 -8.86 2.96
CA LYS A 50 6.00 -10.05 2.26
C LYS A 50 6.98 -10.46 1.14
N GLN A 51 7.56 -9.46 0.46
CA GLN A 51 8.49 -9.72 -0.64
C GLN A 51 9.75 -10.44 -0.19
N MET A 52 10.20 -10.17 1.04
CA MET A 52 11.40 -10.83 1.54
C MET A 52 11.20 -12.33 1.54
N LYS A 53 10.00 -12.76 1.92
CA LYS A 53 9.68 -14.18 1.96
C LYS A 53 9.68 -14.76 0.55
N ILE A 54 9.17 -14.00 -0.41
CA ILE A 54 9.13 -14.46 -1.79
C ILE A 54 10.53 -14.48 -2.42
N ILE A 55 11.28 -13.41 -2.21
CA ILE A 55 12.62 -13.29 -2.79
C ILE A 55 13.70 -14.15 -2.13
N HIS A 56 13.76 -14.11 -0.80
CA HIS A 56 14.79 -14.83 -0.08
C HIS A 56 14.40 -16.21 0.44
N GLU A 57 13.09 -16.45 0.55
CA GLU A 57 12.61 -17.75 1.01
C GLU A 57 12.02 -18.44 -0.24
N ALA A 58 11.28 -19.52 -0.05
CA ALA A 58 10.73 -20.23 -1.20
C ALA A 58 9.39 -19.67 -1.65
N GLY A 59 9.05 -18.47 -1.20
CA GLY A 59 7.77 -17.89 -1.56
C GLY A 59 6.72 -18.49 -0.64
N TYR A 60 5.45 -18.12 -0.82
CA TYR A 60 4.40 -18.65 0.03
C TYR A 60 3.92 -20.03 -0.42
N SER A 61 3.88 -20.96 0.53
CA SER A 61 3.46 -22.34 0.25
C SER A 61 1.96 -22.39 0.00
N GLU A 62 1.49 -23.54 -0.46
CA GLU A 62 0.07 -23.71 -0.72
C GLU A 62 -0.75 -23.46 0.55
N GLU A 63 -0.31 -24.00 1.67
CA GLU A 63 -1.02 -23.81 2.93
C GLU A 63 -1.08 -22.34 3.33
N GLU A 64 0.03 -21.64 3.13
CA GLU A 64 0.08 -20.22 3.47
C GLU A 64 -0.81 -19.42 2.52
N CYS A 65 -0.74 -19.73 1.22
CA CYS A 65 -1.57 -19.03 0.25
C CYS A 65 -3.05 -19.23 0.58
N LYS A 66 -3.42 -20.44 1.02
CA LYS A 66 -4.82 -20.69 1.35
C LYS A 66 -5.28 -19.83 2.53
N GLN A 67 -4.38 -19.54 3.47
CA GLN A 67 -4.74 -18.69 4.60
C GLN A 67 -5.18 -17.31 4.12
N TYR A 68 -4.61 -16.87 3.00
CA TYR A 68 -4.97 -15.56 2.46
C TYR A 68 -6.23 -15.54 1.60
N LYS A 69 -6.77 -16.72 1.29
CA LYS A 69 -7.97 -16.79 0.47
C LYS A 69 -9.12 -15.97 1.08
N ALA A 70 -9.32 -16.10 2.39
CA ALA A 70 -10.39 -15.34 3.05
C ALA A 70 -10.09 -13.84 3.07
N VAL A 71 -8.81 -13.49 3.06
CA VAL A 71 -8.42 -12.09 3.05
C VAL A 71 -8.72 -11.50 1.68
N VAL A 72 -8.42 -12.26 0.63
CA VAL A 72 -8.69 -11.81 -0.72
C VAL A 72 -10.19 -11.59 -0.87
N TYR A 73 -10.99 -12.55 -0.38
CA TYR A 73 -12.43 -12.43 -0.48
C TYR A 73 -12.94 -11.25 0.35
N SER A 74 -12.44 -11.13 1.58
CA SER A 74 -12.85 -10.04 2.46
C SER A 74 -12.52 -8.69 1.80
N ASN A 75 -11.29 -8.58 1.30
CA ASN A 75 -10.84 -7.36 0.62
C ASN A 75 -11.76 -7.02 -0.56
N THR A 76 -12.11 -8.04 -1.33
CA THR A 76 -12.95 -7.85 -2.50
C THR A 76 -14.36 -7.38 -2.14
N ILE A 77 -14.99 -8.05 -1.18
CA ILE A 77 -16.33 -7.68 -0.74
C ILE A 77 -16.31 -6.29 -0.12
N GLN A 78 -15.29 -6.02 0.68
CA GLN A 78 -15.17 -4.71 1.32
C GLN A 78 -15.02 -3.60 0.29
N SER A 79 -14.26 -3.88 -0.76
CA SER A 79 -14.04 -2.87 -1.80
C SER A 79 -15.31 -2.54 -2.59
N ILE A 80 -16.04 -3.56 -3.02
CA ILE A 80 -17.25 -3.31 -3.77
C ILE A 80 -18.29 -2.63 -2.89
N ILE A 81 -18.27 -2.92 -1.60
CA ILE A 81 -19.21 -2.32 -0.67
C ILE A 81 -18.82 -0.86 -0.42
N ALA A 82 -17.52 -0.59 -0.38
CA ALA A 82 -17.04 0.76 -0.17
C ALA A 82 -17.51 1.69 -1.29
N ILE A 83 -17.46 1.19 -2.52
CA ILE A 83 -17.89 1.97 -3.67
C ILE A 83 -19.39 2.20 -3.61
N ILE A 84 -20.14 1.13 -3.34
CA ILE A 84 -21.59 1.22 -3.24
C ILE A 84 -21.98 2.18 -2.11
N ARG A 85 -21.20 2.21 -1.05
CA ARG A 85 -21.45 3.12 0.06
C ARG A 85 -21.28 4.55 -0.41
N ALA A 86 -20.19 4.79 -1.14
CA ALA A 86 -19.89 6.12 -1.65
C ALA A 86 -20.95 6.63 -2.61
N MET A 87 -21.55 5.73 -3.38
CA MET A 87 -22.60 6.12 -4.33
C MET A 87 -23.75 6.82 -3.62
N GLY A 88 -24.07 6.36 -2.42
CA GLY A 88 -25.14 6.99 -1.67
C GLY A 88 -24.68 8.34 -1.15
N ARG A 89 -23.44 8.41 -0.69
CA ARG A 89 -22.87 9.65 -0.17
C ARG A 89 -22.73 10.72 -1.26
N LEU A 90 -22.23 10.32 -2.43
CA LEU A 90 -22.02 11.25 -3.54
C LEU A 90 -23.27 11.38 -4.43
N LYS A 91 -24.30 10.61 -4.12
CA LYS A 91 -25.55 10.62 -4.87
C LYS A 91 -25.35 10.25 -6.33
N ILE A 92 -24.81 9.05 -6.54
CA ILE A 92 -24.54 8.51 -7.85
C ILE A 92 -25.46 7.31 -8.05
N ASP A 93 -26.20 7.31 -9.15
CA ASP A 93 -27.14 6.22 -9.42
C ASP A 93 -26.47 5.11 -10.21
N PHE A 94 -27.05 3.91 -10.12
CA PHE A 94 -26.53 2.78 -10.86
C PHE A 94 -26.76 3.08 -12.34
N GLY A 95 -25.90 2.54 -13.20
CA GLY A 95 -26.06 2.76 -14.63
C GLY A 95 -27.33 2.09 -15.13
N ASP A 96 -27.60 0.89 -14.62
CA ASP A 96 -28.78 0.13 -14.99
C ASP A 96 -29.60 -0.16 -13.74
N ALA A 97 -30.90 0.11 -13.82
CA ALA A 97 -31.81 -0.09 -12.69
C ALA A 97 -31.78 -1.51 -12.12
N ALA A 98 -31.49 -2.49 -12.96
CA ALA A 98 -31.46 -3.89 -12.53
C ALA A 98 -30.39 -4.17 -11.47
N ARG A 99 -29.38 -3.30 -11.39
CA ARG A 99 -28.31 -3.49 -10.41
C ARG A 99 -28.81 -3.35 -8.97
N ALA A 100 -29.93 -2.64 -8.79
CA ALA A 100 -30.49 -2.45 -7.45
C ALA A 100 -30.73 -3.79 -6.75
N ASP A 101 -31.23 -4.77 -7.51
CA ASP A 101 -31.50 -6.09 -6.97
C ASP A 101 -30.19 -6.80 -6.64
N ASP A 102 -29.19 -6.64 -7.50
CA ASP A 102 -27.89 -7.24 -7.26
C ASP A 102 -27.28 -6.66 -5.99
N ALA A 103 -27.46 -5.36 -5.78
CA ALA A 103 -26.92 -4.71 -4.59
C ALA A 103 -27.56 -5.31 -3.33
N ARG A 104 -28.87 -5.57 -3.40
CA ARG A 104 -29.56 -6.17 -2.26
C ARG A 104 -29.01 -7.57 -1.99
N GLN A 105 -28.87 -8.36 -3.05
CA GLN A 105 -28.36 -9.71 -2.90
C GLN A 105 -26.92 -9.75 -2.38
N LEU A 106 -26.15 -8.72 -2.71
CA LEU A 106 -24.77 -8.63 -2.27
C LEU A 106 -24.65 -8.78 -0.75
N PHE A 107 -25.47 -8.03 -0.02
CA PHE A 107 -25.44 -8.08 1.44
C PHE A 107 -25.98 -9.39 2.00
N VAL A 108 -26.95 -9.98 1.32
CA VAL A 108 -27.53 -11.24 1.74
C VAL A 108 -26.50 -12.36 1.62
N LEU A 109 -25.71 -12.30 0.55
CA LEU A 109 -24.71 -13.33 0.28
C LEU A 109 -23.29 -13.02 0.76
N ALA A 110 -23.05 -11.78 1.18
CA ALA A 110 -21.72 -11.36 1.62
C ALA A 110 -21.09 -12.24 2.69
N GLY A 111 -21.89 -12.63 3.68
CA GLY A 111 -21.39 -13.46 4.77
C GLY A 111 -20.51 -14.64 4.40
N ALA A 112 -20.90 -15.37 3.37
CA ALA A 112 -20.13 -16.53 2.93
C ALA A 112 -18.70 -16.16 2.54
N ALA A 113 -18.56 -15.04 1.84
CA ALA A 113 -17.26 -14.56 1.41
C ALA A 113 -16.37 -14.27 2.60
N GLU A 114 -16.96 -13.70 3.65
CA GLU A 114 -16.23 -13.37 4.86
C GLU A 114 -15.66 -14.61 5.54
N GLU A 115 -16.23 -15.77 5.22
CA GLU A 115 -15.78 -17.02 5.82
C GLU A 115 -14.83 -17.82 4.93
N GLY A 116 -14.46 -17.25 3.78
CA GLY A 116 -13.55 -17.94 2.88
C GLY A 116 -14.24 -18.72 1.78
N PHE A 117 -15.52 -18.45 1.56
CA PHE A 117 -16.27 -19.15 0.54
C PHE A 117 -16.82 -18.18 -0.49
N MET A 118 -16.69 -18.55 -1.77
CA MET A 118 -17.15 -17.70 -2.86
C MET A 118 -18.08 -18.48 -3.78
N THR A 119 -19.38 -18.32 -3.57
CA THR A 119 -20.38 -19.01 -4.38
C THR A 119 -20.39 -18.43 -5.79
N ALA A 120 -20.94 -19.19 -6.73
CA ALA A 120 -21.04 -18.74 -8.11
C ALA A 120 -22.04 -17.59 -8.18
N GLU A 121 -23.05 -17.64 -7.32
CA GLU A 121 -24.08 -16.62 -7.29
C GLU A 121 -23.49 -15.28 -6.86
N LEU A 122 -22.72 -15.30 -5.77
CA LEU A 122 -22.11 -14.08 -5.27
C LEU A 122 -21.18 -13.47 -6.32
N ALA A 123 -20.41 -14.32 -6.99
CA ALA A 123 -19.49 -13.84 -8.02
C ALA A 123 -20.23 -13.10 -9.13
N GLY A 124 -21.36 -13.65 -9.55
CA GLY A 124 -22.14 -13.03 -10.60
C GLY A 124 -22.63 -11.66 -10.18
N VAL A 125 -23.12 -11.57 -8.94
CA VAL A 125 -23.61 -10.32 -8.39
C VAL A 125 -22.52 -9.27 -8.39
N ILE A 126 -21.35 -9.62 -7.84
CA ILE A 126 -20.23 -8.70 -7.77
C ILE A 126 -19.76 -8.29 -9.16
N LYS A 127 -19.75 -9.26 -10.09
CA LYS A 127 -19.31 -9.00 -11.46
C LYS A 127 -20.20 -7.98 -12.15
N ARG A 128 -21.51 -8.17 -12.05
CA ARG A 128 -22.46 -7.26 -12.68
C ARG A 128 -22.35 -5.86 -12.07
N LEU A 129 -22.19 -5.80 -10.74
CA LEU A 129 -22.05 -4.52 -10.06
C LEU A 129 -20.79 -3.79 -10.54
N TRP A 130 -19.66 -4.50 -10.55
CA TRP A 130 -18.38 -3.93 -10.98
C TRP A 130 -18.44 -3.37 -12.41
N LYS A 131 -19.17 -4.04 -13.28
CA LYS A 131 -19.28 -3.58 -14.67
C LYS A 131 -20.22 -2.41 -14.88
N ASP A 132 -21.07 -2.14 -13.89
CA ASP A 132 -22.04 -1.04 -14.01
C ASP A 132 -21.35 0.31 -14.20
N SER A 133 -21.92 1.14 -15.08
CA SER A 133 -21.35 2.46 -15.39
C SER A 133 -21.42 3.43 -14.22
N GLY A 134 -22.44 3.29 -13.37
CA GLY A 134 -22.57 4.17 -12.23
C GLY A 134 -21.54 3.79 -11.17
N VAL A 135 -21.33 2.48 -11.01
CA VAL A 135 -20.34 1.97 -10.06
C VAL A 135 -18.95 2.42 -10.51
N GLN A 136 -18.72 2.39 -11.81
CA GLN A 136 -17.43 2.79 -12.36
C GLN A 136 -17.22 4.30 -12.20
N ALA A 137 -18.30 5.07 -12.38
CA ALA A 137 -18.20 6.51 -12.23
C ALA A 137 -17.74 6.81 -10.81
N CYS A 138 -18.32 6.10 -9.84
CA CYS A 138 -17.96 6.29 -8.44
C CYS A 138 -16.54 5.78 -8.21
N PHE A 139 -16.20 4.66 -8.83
CA PHE A 139 -14.85 4.10 -8.67
C PHE A 139 -13.80 5.12 -9.08
N ASN A 140 -14.06 5.84 -10.17
CA ASN A 140 -13.12 6.84 -10.66
C ASN A 140 -13.11 8.15 -9.87
N ARG A 141 -13.80 8.15 -8.74
CA ARG A 141 -13.85 9.31 -7.86
C ARG A 141 -13.42 8.87 -6.47
N SER A 142 -12.72 7.73 -6.39
CA SER A 142 -12.27 7.17 -5.10
C SER A 142 -11.49 8.11 -4.18
N ARG A 143 -10.81 9.11 -4.73
CA ARG A 143 -10.08 10.03 -3.88
C ARG A 143 -11.04 10.76 -2.93
N GLU A 144 -12.33 10.71 -3.25
CA GLU A 144 -13.35 11.37 -2.45
C GLU A 144 -13.82 10.55 -1.24
N TYR A 145 -13.31 9.32 -1.13
CA TYR A 145 -13.63 8.45 0.00
C TYR A 145 -12.42 7.54 0.26
N GLN A 146 -12.63 6.42 0.95
CA GLN A 146 -11.53 5.51 1.25
C GLN A 146 -11.72 4.17 0.53
N LEU A 147 -10.76 3.82 -0.33
CA LEU A 147 -10.82 2.57 -1.09
C LEU A 147 -9.46 1.88 -1.20
N ASN A 148 -9.43 0.57 -0.95
CA ASN A 148 -8.18 -0.19 -1.05
C ASN A 148 -7.59 -0.01 -2.45
N ASP A 149 -6.26 0.14 -2.52
CA ASP A 149 -5.60 0.31 -3.81
C ASP A 149 -5.70 -0.94 -4.66
N SER A 150 -5.91 -2.09 -4.01
CA SER A 150 -6.01 -3.37 -4.71
C SER A 150 -7.44 -3.69 -5.12
N ALA A 151 -8.35 -2.74 -4.93
CA ALA A 151 -9.75 -2.96 -5.29
C ALA A 151 -9.90 -3.47 -6.73
N ALA A 152 -9.41 -2.68 -7.68
CA ALA A 152 -9.51 -3.04 -9.10
C ALA A 152 -8.77 -4.34 -9.43
N TYR A 153 -7.59 -4.52 -8.84
CA TYR A 153 -6.80 -5.73 -9.07
C TYR A 153 -7.65 -6.99 -8.87
N TYR A 154 -8.36 -7.07 -7.74
CA TYR A 154 -9.18 -8.25 -7.46
C TYR A 154 -10.48 -8.27 -8.24
N LEU A 155 -11.18 -7.14 -8.29
CA LEU A 155 -12.44 -7.06 -9.01
C LEU A 155 -12.28 -7.40 -10.50
N ASN A 156 -11.21 -6.93 -11.12
CA ASN A 156 -10.99 -7.21 -12.53
C ASN A 156 -10.64 -8.69 -12.78
N ASP A 157 -10.23 -9.39 -11.74
CA ASP A 157 -9.88 -10.81 -11.83
C ASP A 157 -10.88 -11.73 -11.12
N LEU A 158 -12.12 -11.27 -11.02
CA LEU A 158 -13.17 -12.03 -10.34
C LEU A 158 -13.31 -13.47 -10.83
N ASP A 159 -13.35 -13.66 -12.14
CA ASP A 159 -13.48 -15.00 -12.71
C ASP A 159 -12.44 -15.96 -12.16
N ARG A 160 -11.20 -15.49 -12.04
CA ARG A 160 -10.13 -16.33 -11.54
C ARG A 160 -10.26 -16.61 -10.03
N ILE A 161 -10.40 -15.57 -9.23
CA ILE A 161 -10.49 -15.78 -7.79
C ILE A 161 -11.80 -16.42 -7.34
N ALA A 162 -12.81 -16.40 -8.20
CA ALA A 162 -14.10 -17.00 -7.86
C ALA A 162 -14.16 -18.48 -8.21
N GLN A 163 -13.14 -18.99 -8.89
CA GLN A 163 -13.11 -20.40 -9.26
C GLN A 163 -13.18 -21.26 -8.01
N PRO A 164 -13.78 -22.46 -8.14
CA PRO A 164 -13.86 -23.34 -6.96
C PRO A 164 -12.44 -23.88 -6.77
N ASN A 165 -12.02 -24.02 -5.51
CA ASN A 165 -10.68 -24.50 -5.23
C ASN A 165 -9.63 -23.47 -5.62
N TYR A 166 -10.03 -22.20 -5.59
CA TYR A 166 -9.13 -21.10 -5.90
C TYR A 166 -8.01 -21.06 -4.86
N ILE A 167 -6.78 -20.89 -5.31
CA ILE A 167 -5.62 -20.78 -4.41
C ILE A 167 -4.90 -19.49 -4.76
N PRO A 168 -4.81 -18.54 -3.82
CA PRO A 168 -4.13 -17.27 -4.07
C PRO A 168 -2.73 -17.40 -4.64
N THR A 169 -2.42 -16.61 -5.66
CA THR A 169 -1.10 -16.61 -6.27
C THR A 169 -0.21 -15.74 -5.38
N GLN A 170 1.08 -15.67 -5.70
CA GLN A 170 1.99 -14.85 -4.92
C GLN A 170 1.57 -13.39 -5.03
N GLN A 171 1.18 -12.96 -6.23
CA GLN A 171 0.76 -11.58 -6.43
C GLN A 171 -0.51 -11.29 -5.63
N ASP A 172 -1.44 -12.24 -5.58
CA ASP A 172 -2.68 -12.07 -4.82
C ASP A 172 -2.35 -11.80 -3.35
N VAL A 173 -1.40 -12.57 -2.82
CA VAL A 173 -0.99 -12.40 -1.42
C VAL A 173 -0.39 -11.02 -1.23
N LEU A 174 0.48 -10.64 -2.15
CA LEU A 174 1.12 -9.32 -2.11
C LEU A 174 0.10 -8.19 -2.16
N ARG A 175 -1.01 -8.42 -2.86
CA ARG A 175 -2.04 -7.40 -2.99
C ARG A 175 -3.02 -7.33 -1.81
N THR A 176 -2.97 -8.30 -0.89
CA THR A 176 -3.88 -8.28 0.24
C THR A 176 -3.67 -7.09 1.16
N ARG A 177 -4.77 -6.66 1.78
CA ARG A 177 -4.74 -5.54 2.70
C ARG A 177 -5.09 -6.03 4.11
N VAL A 178 -4.09 -5.97 4.99
CA VAL A 178 -4.27 -6.38 6.38
C VAL A 178 -3.61 -5.31 7.23
N PRO A 179 -4.41 -4.44 7.86
CA PRO A 179 -3.86 -3.38 8.70
C PRO A 179 -2.91 -3.91 9.76
N THR A 180 -1.78 -3.22 9.93
CA THR A 180 -0.81 -3.64 10.93
C THR A 180 -1.03 -2.85 12.21
N THR A 181 -1.28 -3.57 13.29
CA THR A 181 -1.45 -2.96 14.59
C THR A 181 -0.40 -3.66 15.43
N GLY A 182 0.53 -2.90 15.98
CA GLY A 182 1.57 -3.52 16.78
C GLY A 182 2.88 -3.61 16.04
N ILE A 183 3.70 -4.58 16.45
CA ILE A 183 5.01 -4.78 15.84
C ILE A 183 5.18 -6.19 15.33
N VAL A 184 5.65 -6.31 14.09
CA VAL A 184 5.87 -7.60 13.46
C VAL A 184 7.36 -7.80 13.23
N GLU A 185 7.87 -8.96 13.63
CA GLU A 185 9.28 -9.26 13.46
C GLU A 185 9.43 -10.41 12.47
N THR A 186 10.23 -10.18 11.43
CA THR A 186 10.45 -11.20 10.41
C THR A 186 11.95 -11.47 10.28
N HIS A 187 12.29 -12.74 10.06
CA HIS A 187 13.68 -13.14 9.92
C HIS A 187 13.96 -13.80 8.57
N PHE A 188 15.17 -13.55 8.04
CA PHE A 188 15.57 -14.14 6.78
C PHE A 188 17.08 -13.93 6.54
N THR A 189 17.68 -14.80 5.76
CA THR A 189 19.10 -14.72 5.47
C THR A 189 19.32 -14.27 4.02
N PHE A 190 20.24 -13.33 3.84
CA PHE A 190 20.56 -12.82 2.51
C PHE A 190 22.02 -12.39 2.48
N LYS A 191 22.76 -12.86 1.49
CA LYS A 191 24.17 -12.54 1.36
C LYS A 191 24.92 -12.86 2.65
N ASP A 192 24.55 -14.00 3.26
CA ASP A 192 25.17 -14.47 4.49
C ASP A 192 24.85 -13.62 5.71
N LEU A 193 23.94 -12.67 5.56
CA LEU A 193 23.55 -11.80 6.66
C LEU A 193 22.22 -12.27 7.25
N HIS A 194 22.09 -12.18 8.56
CA HIS A 194 20.86 -12.57 9.23
C HIS A 194 20.04 -11.30 9.49
N PHE A 195 19.02 -11.09 8.67
CA PHE A 195 18.17 -9.91 8.79
C PHE A 195 17.05 -10.08 9.80
N LYS A 196 16.86 -9.06 10.64
CA LYS A 196 15.78 -9.03 11.61
C LYS A 196 14.99 -7.80 11.20
N MET A 197 13.91 -8.03 10.48
CA MET A 197 13.07 -6.95 9.96
C MET A 197 11.84 -6.68 10.82
N PHE A 198 11.63 -5.41 11.14
CA PHE A 198 10.49 -5.01 11.95
C PHE A 198 9.62 -4.00 11.23
N ASP A 199 8.30 -4.18 11.30
CA ASP A 199 7.39 -3.23 10.70
C ASP A 199 6.28 -2.95 11.69
N VAL A 200 5.83 -1.70 11.69
CA VAL A 200 4.81 -1.23 12.61
C VAL A 200 3.64 -0.62 11.86
N GLY A 201 2.62 -0.20 12.60
CA GLY A 201 1.46 0.43 11.99
C GLY A 201 1.77 1.89 11.76
N GLY A 202 1.21 2.48 10.71
CA GLY A 202 1.48 3.86 10.39
C GLY A 202 0.43 4.90 10.75
N GLN A 203 -0.78 4.45 11.10
CA GLN A 203 -1.84 5.39 11.47
C GLN A 203 -1.40 6.17 12.69
N ARG A 204 -1.96 7.35 12.87
CA ARG A 204 -1.60 8.19 14.01
C ARG A 204 -1.70 7.45 15.35
N SER A 205 -2.73 6.63 15.51
CA SER A 205 -2.93 5.90 16.75
C SER A 205 -1.87 4.82 17.03
N GLU A 206 -1.08 4.48 16.01
CA GLU A 206 -0.06 3.45 16.16
C GLU A 206 1.36 3.99 16.35
N ARG A 207 1.56 5.26 16.04
CA ARG A 207 2.89 5.83 16.14
C ARG A 207 3.52 5.85 17.52
N LYS A 208 2.69 5.79 18.56
CA LYS A 208 3.20 5.77 19.92
C LYS A 208 4.02 4.50 20.15
N LYS A 209 3.80 3.49 19.32
CA LYS A 209 4.50 2.22 19.44
C LYS A 209 5.85 2.16 18.73
N TRP A 210 6.09 3.10 17.83
CA TRP A 210 7.35 3.13 17.08
C TRP A 210 8.60 3.07 17.95
N ILE A 211 8.61 3.83 19.05
CA ILE A 211 9.79 3.86 19.91
C ILE A 211 10.23 2.53 20.52
N HIS A 212 9.34 1.54 20.52
CA HIS A 212 9.69 0.23 21.07
C HIS A 212 10.69 -0.48 20.16
N CYS A 213 10.79 -0.02 18.92
CA CYS A 213 11.69 -0.62 17.94
C CYS A 213 12.96 0.19 17.67
N PHE A 214 13.15 1.29 18.40
CA PHE A 214 14.30 2.17 18.17
C PHE A 214 15.70 1.68 18.54
N GLU A 215 15.81 0.60 19.30
CA GLU A 215 17.12 0.10 19.70
C GLU A 215 17.87 -0.68 18.63
N GLY A 216 19.18 -0.41 18.55
CA GLY A 216 20.05 -1.11 17.61
C GLY A 216 19.62 -1.24 16.17
N VAL A 217 19.08 -0.17 15.59
CA VAL A 217 18.63 -0.20 14.21
C VAL A 217 19.79 0.05 13.25
N THR A 218 20.02 -0.90 12.35
CA THR A 218 21.09 -0.79 11.38
C THR A 218 20.66 0.16 10.28
N ALA A 219 19.42 0.02 9.83
CA ALA A 219 18.90 0.89 8.79
C ALA A 219 17.39 1.03 8.89
N ILE A 220 16.91 2.20 8.48
CA ILE A 220 15.49 2.45 8.48
C ILE A 220 15.04 2.52 7.02
N ILE A 221 13.95 1.84 6.69
CA ILE A 221 13.41 1.92 5.34
C ILE A 221 12.11 2.67 5.54
N PHE A 222 12.10 3.95 5.18
CA PHE A 222 10.91 4.78 5.34
C PHE A 222 10.10 4.75 4.05
N CYS A 223 8.87 4.25 4.14
CA CYS A 223 8.01 4.15 2.97
C CYS A 223 7.04 5.31 2.81
N VAL A 224 6.96 5.82 1.58
CA VAL A 224 6.08 6.91 1.24
C VAL A 224 5.23 6.46 0.05
N ALA A 225 3.91 6.64 0.15
CA ALA A 225 3.03 6.27 -0.95
C ALA A 225 2.97 7.47 -1.90
N LEU A 226 3.66 7.36 -3.03
CA LEU A 226 3.69 8.45 -4.02
C LEU A 226 2.28 8.87 -4.46
N SER A 227 1.41 7.89 -4.61
CA SER A 227 0.03 8.13 -5.07
C SER A 227 -0.89 8.72 -3.99
N ASP A 228 -0.31 9.06 -2.84
CA ASP A 228 -1.06 9.65 -1.73
C ASP A 228 -1.23 11.16 -1.85
N TYR A 229 -0.52 11.78 -2.80
CA TYR A 229 -0.56 13.23 -2.94
C TYR A 229 -1.93 13.90 -3.05
N ASP A 230 -2.95 13.19 -3.55
CA ASP A 230 -4.27 13.79 -3.66
C ASP A 230 -5.30 13.14 -2.73
N LEU A 231 -4.80 12.43 -1.73
CA LEU A 231 -5.67 11.76 -0.76
C LEU A 231 -5.59 12.39 0.62
N VAL A 232 -6.57 12.08 1.46
CA VAL A 232 -6.61 12.59 2.83
C VAL A 232 -6.53 11.41 3.80
N LEU A 233 -6.03 11.67 5.00
CA LEU A 233 -5.91 10.62 6.02
C LEU A 233 -7.25 10.01 6.41
N ALA A 234 -7.26 8.69 6.56
CA ALA A 234 -8.48 8.00 6.97
C ALA A 234 -8.81 8.41 8.41
N GLU A 235 -7.80 8.79 9.17
CA GLU A 235 -7.98 9.20 10.57
C GLU A 235 -8.20 10.70 10.70
N ASP A 236 -8.09 11.43 9.60
CA ASP A 236 -8.27 12.88 9.61
C ASP A 236 -8.47 13.38 8.19
N GLU A 237 -9.73 13.48 7.77
CA GLU A 237 -10.08 13.93 6.42
C GLU A 237 -9.60 15.32 6.07
N GLU A 238 -9.10 16.07 7.05
CA GLU A 238 -8.61 17.42 6.81
C GLU A 238 -7.11 17.46 6.56
N MET A 239 -6.45 16.30 6.63
CA MET A 239 -5.01 16.26 6.42
C MET A 239 -4.60 15.51 5.15
N ASN A 240 -3.82 16.19 4.32
CA ASN A 240 -3.33 15.61 3.09
C ASN A 240 -2.37 14.48 3.49
N ARG A 241 -2.57 13.31 2.92
CA ARG A 241 -1.74 12.16 3.22
C ARG A 241 -0.25 12.36 2.98
N MET A 242 0.09 13.05 1.90
CA MET A 242 1.49 13.29 1.58
C MET A 242 2.13 14.25 2.59
N HIS A 243 1.40 15.28 2.99
CA HIS A 243 1.92 16.21 3.98
C HIS A 243 2.18 15.48 5.29
N GLU A 244 1.33 14.48 5.58
CA GLU A 244 1.50 13.70 6.80
C GLU A 244 2.82 12.91 6.70
N SER A 245 3.07 12.28 5.55
CA SER A 245 4.31 11.52 5.34
C SER A 245 5.53 12.42 5.51
N MET A 246 5.45 13.63 4.98
CA MET A 246 6.55 14.58 5.06
C MET A 246 6.92 14.91 6.51
N LYS A 247 5.91 15.19 7.32
CA LYS A 247 6.15 15.52 8.73
C LYS A 247 6.82 14.35 9.45
N LEU A 248 6.39 13.13 9.14
CA LEU A 248 6.96 11.94 9.77
C LEU A 248 8.41 11.74 9.35
N PHE A 249 8.68 11.89 8.06
CA PHE A 249 10.03 11.71 7.56
C PHE A 249 10.95 12.77 8.17
N ASP A 250 10.45 14.00 8.23
CA ASP A 250 11.20 15.11 8.81
C ASP A 250 11.62 14.71 10.23
N SER A 251 10.67 14.19 10.99
CA SER A 251 10.91 13.77 12.37
C SER A 251 11.94 12.65 12.48
N ILE A 252 11.76 11.59 11.69
CA ILE A 252 12.66 10.44 11.71
C ILE A 252 14.06 10.76 11.18
N CYS A 253 14.12 11.30 9.97
CA CYS A 253 15.40 11.62 9.35
C CYS A 253 16.28 12.53 10.20
N ASN A 254 15.69 13.49 10.88
CA ASN A 254 16.47 14.42 11.69
C ASN A 254 16.61 14.08 13.16
N ASN A 255 16.15 12.89 13.55
CA ASN A 255 16.26 12.46 14.94
C ASN A 255 17.72 12.09 15.21
N LYS A 256 18.37 12.82 16.10
CA LYS A 256 19.76 12.58 16.44
C LYS A 256 20.02 11.13 16.86
N TRP A 257 19.02 10.48 17.42
CA TRP A 257 19.17 9.09 17.83
C TRP A 257 19.57 8.22 16.64
N PHE A 258 19.15 8.62 15.44
CA PHE A 258 19.45 7.86 14.24
C PHE A 258 20.62 8.40 13.40
N THR A 259 21.38 9.34 13.97
CA THR A 259 22.52 9.93 13.27
C THR A 259 23.40 8.91 12.57
N ASP A 260 23.61 7.76 13.21
CA ASP A 260 24.45 6.71 12.64
C ASP A 260 23.68 5.54 12.04
N THR A 261 22.39 5.74 11.81
CA THR A 261 21.54 4.71 11.23
C THR A 261 21.31 5.10 9.77
N SER A 262 21.51 4.15 8.85
CA SER A 262 21.30 4.44 7.43
C SER A 262 19.82 4.71 7.18
N ILE A 263 19.53 5.80 6.47
CA ILE A 263 18.16 6.16 6.17
C ILE A 263 17.87 5.85 4.70
N ILE A 264 17.01 4.86 4.47
CA ILE A 264 16.63 4.50 3.11
C ILE A 264 15.22 5.03 2.91
N LEU A 265 15.01 5.70 1.78
CA LEU A 265 13.70 6.26 1.48
C LEU A 265 13.08 5.53 0.29
N PHE A 266 11.94 4.90 0.52
CA PHE A 266 11.23 4.19 -0.53
C PHE A 266 10.04 5.01 -1.01
N LEU A 267 10.15 5.61 -2.19
CA LEU A 267 9.05 6.38 -2.76
C LEU A 267 8.28 5.28 -3.49
N ASN A 268 7.36 4.69 -2.73
CA ASN A 268 6.55 3.56 -3.16
C ASN A 268 5.30 3.86 -3.97
N LYS A 269 4.68 2.80 -4.47
CA LYS A 269 3.48 2.90 -5.29
C LYS A 269 3.76 3.73 -6.55
N LYS A 270 4.95 3.56 -7.11
CA LYS A 270 5.32 4.31 -8.31
C LYS A 270 4.42 3.92 -9.48
N ASP A 271 3.89 2.70 -9.45
CA ASP A 271 3.01 2.25 -10.53
C ASP A 271 1.68 3.01 -10.49
N LEU A 272 1.11 3.14 -9.30
CA LEU A 272 -0.15 3.86 -9.14
C LEU A 272 0.06 5.34 -9.40
N PHE A 273 1.23 5.84 -9.02
CA PHE A 273 1.58 7.25 -9.22
C PHE A 273 1.68 7.56 -10.71
N GLU A 274 2.28 6.64 -11.47
CA GLU A 274 2.45 6.84 -12.91
C GLU A 274 1.11 7.07 -13.61
N GLU A 275 0.09 6.33 -13.21
CA GLU A 275 -1.23 6.47 -13.80
C GLU A 275 -1.99 7.68 -13.26
N LYS A 276 -1.88 7.92 -11.95
CA LYS A 276 -2.58 9.04 -11.31
C LYS A 276 -2.09 10.41 -11.73
N ILE A 277 -0.77 10.56 -11.89
CA ILE A 277 -0.21 11.86 -12.28
C ILE A 277 -0.73 12.35 -13.63
N LYS A 278 -1.22 11.44 -14.46
CA LYS A 278 -1.73 11.83 -15.77
C LYS A 278 -3.05 12.60 -15.69
N LYS A 279 -3.83 12.36 -14.65
CA LYS A 279 -5.14 12.99 -14.51
C LYS A 279 -5.45 13.77 -13.23
N SER A 280 -4.59 13.69 -12.22
CA SER A 280 -4.83 14.41 -10.98
C SER A 280 -3.71 15.42 -10.71
N PRO A 281 -4.04 16.72 -10.71
CA PRO A 281 -3.05 17.77 -10.47
C PRO A 281 -2.24 17.60 -9.19
N LEU A 282 -0.92 17.66 -9.33
CA LEU A 282 -0.03 17.53 -8.18
C LEU A 282 -0.09 18.81 -7.36
N THR A 283 -0.61 19.88 -7.94
CA THR A 283 -0.73 21.15 -7.25
C THR A 283 -1.70 21.02 -6.06
N ILE A 284 -2.47 19.94 -6.03
CA ILE A 284 -3.39 19.70 -4.94
C ILE A 284 -2.57 19.55 -3.66
N CYS A 285 -1.40 18.94 -3.80
CA CYS A 285 -0.49 18.71 -2.69
C CYS A 285 0.59 19.79 -2.59
N TYR A 286 1.16 20.14 -3.74
CA TYR A 286 2.23 21.14 -3.81
C TYR A 286 1.79 22.28 -4.73
N PRO A 287 1.17 23.32 -4.17
CA PRO A 287 0.70 24.48 -4.94
C PRO A 287 1.73 25.11 -5.88
N GLU A 288 3.01 25.01 -5.52
CA GLU A 288 4.06 25.61 -6.33
C GLU A 288 4.64 24.74 -7.45
N TYR A 289 4.18 23.50 -7.57
CA TYR A 289 4.68 22.62 -8.64
C TYR A 289 4.36 23.25 -9.98
N ALA A 290 5.38 23.45 -10.81
CA ALA A 290 5.19 24.05 -12.13
C ALA A 290 5.45 23.10 -13.29
N GLY A 291 5.64 21.82 -12.97
CA GLY A 291 5.91 20.83 -13.99
C GLY A 291 4.64 20.27 -14.63
N SER A 292 4.82 19.38 -15.61
CA SER A 292 3.70 18.78 -16.31
C SER A 292 3.09 17.56 -15.60
N ASN A 293 2.00 17.05 -16.15
CA ASN A 293 1.33 15.89 -15.59
C ASN A 293 2.02 14.63 -16.12
N THR A 294 3.31 14.52 -15.81
CA THR A 294 4.13 13.39 -16.26
C THR A 294 4.92 12.77 -15.11
N TYR A 295 5.22 11.48 -15.23
CA TYR A 295 5.93 10.74 -14.21
C TYR A 295 7.31 11.23 -13.78
N GLU A 296 8.25 11.36 -14.73
CA GLU A 296 9.60 11.78 -14.41
C GLU A 296 9.72 13.13 -13.71
N GLU A 297 9.09 14.16 -14.28
CA GLU A 297 9.15 15.48 -13.69
C GLU A 297 8.51 15.53 -12.30
N ALA A 298 7.34 14.94 -12.16
CA ALA A 298 6.64 14.93 -10.86
C ALA A 298 7.33 14.06 -9.82
N ALA A 299 7.81 12.89 -10.22
CA ALA A 299 8.48 12.00 -9.29
C ALA A 299 9.72 12.69 -8.70
N ALA A 300 10.52 13.30 -9.57
CA ALA A 300 11.72 14.00 -9.12
C ALA A 300 11.35 15.13 -8.17
N TYR A 301 10.27 15.84 -8.49
CA TYR A 301 9.83 16.95 -7.66
C TYR A 301 9.51 16.48 -6.24
N ILE A 302 8.81 15.36 -6.15
CA ILE A 302 8.43 14.81 -4.86
C ILE A 302 9.67 14.35 -4.11
N GLN A 303 10.62 13.77 -4.84
CA GLN A 303 11.86 13.31 -4.22
C GLN A 303 12.58 14.48 -3.56
N CYS A 304 12.69 15.59 -4.29
CA CYS A 304 13.36 16.77 -3.75
C CYS A 304 12.63 17.35 -2.54
N GLN A 305 11.30 17.23 -2.53
CA GLN A 305 10.51 17.73 -1.40
C GLN A 305 10.90 16.98 -0.13
N PHE A 306 11.03 15.66 -0.23
CA PHE A 306 11.40 14.86 0.93
C PHE A 306 12.86 15.02 1.30
N GLU A 307 13.75 14.96 0.30
CA GLU A 307 15.16 15.07 0.60
C GLU A 307 15.53 16.43 1.19
N ASP A 308 14.79 17.48 0.84
CA ASP A 308 15.07 18.81 1.37
C ASP A 308 14.75 18.95 2.85
N LEU A 309 14.02 17.99 3.41
CA LEU A 309 13.65 18.02 4.82
C LEU A 309 14.86 17.70 5.69
N ASN A 310 15.87 17.08 5.08
CA ASN A 310 17.10 16.72 5.76
C ASN A 310 17.78 18.01 6.21
N LYS A 311 17.94 18.18 7.52
CA LYS A 311 18.56 19.38 8.07
C LYS A 311 20.08 19.34 8.08
N ARG A 312 20.66 18.20 7.71
CA ARG A 312 22.11 18.07 7.69
C ARG A 312 22.55 17.33 6.43
N LYS A 313 22.32 17.96 5.28
CA LYS A 313 22.66 17.36 4.00
C LYS A 313 24.12 16.94 3.82
N ASP A 314 25.04 17.62 4.51
CA ASP A 314 26.46 17.27 4.37
C ASP A 314 26.92 16.08 5.20
N THR A 315 26.27 15.86 6.34
CA THR A 315 26.67 14.74 7.21
C THR A 315 25.68 13.58 7.22
N LYS A 316 24.50 13.78 6.65
CA LYS A 316 23.50 12.72 6.64
C LYS A 316 23.07 12.42 5.22
N GLU A 317 23.31 11.18 4.80
CA GLU A 317 22.98 10.70 3.46
C GLU A 317 21.63 9.96 3.46
N ILE A 318 20.79 10.26 2.48
CA ILE A 318 19.51 9.59 2.32
C ILE A 318 19.62 8.76 1.06
N TYR A 319 19.34 7.47 1.15
CA TYR A 319 19.40 6.59 -0.01
C TYR A 319 17.99 6.40 -0.52
N THR A 320 17.66 7.12 -1.59
CA THR A 320 16.33 7.09 -2.18
C THR A 320 16.15 6.12 -3.35
N HIS A 321 15.06 5.36 -3.29
CA HIS A 321 14.71 4.40 -4.33
C HIS A 321 13.23 4.53 -4.63
N PHE A 322 12.88 4.48 -5.91
CA PHE A 322 11.48 4.54 -6.31
C PHE A 322 11.07 3.08 -6.42
N THR A 323 9.95 2.71 -5.81
CA THR A 323 9.53 1.33 -5.80
C THR A 323 8.06 1.05 -6.07
N CYS A 324 7.79 -0.22 -6.36
CA CYS A 324 6.45 -0.75 -6.55
C CYS A 324 6.56 -1.99 -5.67
N ALA A 325 6.14 -1.87 -4.42
CA ALA A 325 6.25 -2.95 -3.44
C ALA A 325 5.62 -4.28 -3.82
N THR A 326 4.62 -4.27 -4.69
CA THR A 326 3.98 -5.53 -5.10
C THR A 326 4.71 -6.20 -6.27
N ASP A 327 5.65 -5.48 -6.87
CA ASP A 327 6.42 -5.99 -8.00
C ASP A 327 7.70 -6.65 -7.47
N THR A 328 7.68 -7.98 -7.38
CA THR A 328 8.81 -8.75 -6.86
C THR A 328 10.16 -8.46 -7.54
N LYS A 329 10.15 -8.31 -8.86
CA LYS A 329 11.37 -8.04 -9.59
C LYS A 329 11.95 -6.69 -9.21
N ASN A 330 11.09 -5.68 -9.11
CA ASN A 330 11.55 -4.35 -8.75
C ASN A 330 12.14 -4.35 -7.33
N VAL A 331 11.44 -4.97 -6.39
CA VAL A 331 11.91 -5.03 -5.01
C VAL A 331 13.19 -5.85 -4.89
N GLN A 332 13.28 -6.94 -5.64
CA GLN A 332 14.47 -7.78 -5.58
C GLN A 332 15.72 -6.96 -5.92
N PHE A 333 15.67 -6.21 -7.02
CA PHE A 333 16.80 -5.40 -7.45
C PHE A 333 17.03 -4.18 -6.57
N VAL A 334 15.95 -3.55 -6.11
CA VAL A 334 16.09 -2.40 -5.24
C VAL A 334 16.68 -2.86 -3.91
N PHE A 335 16.16 -3.96 -3.37
CA PHE A 335 16.66 -4.45 -2.09
C PHE A 335 18.09 -4.95 -2.21
N ASP A 336 18.46 -5.41 -3.40
CA ASP A 336 19.83 -5.88 -3.62
C ASP A 336 20.75 -4.69 -3.50
N ALA A 337 20.34 -3.56 -4.08
CA ALA A 337 21.12 -2.34 -4.03
C ALA A 337 21.19 -1.82 -2.60
N VAL A 338 20.08 -1.92 -1.88
CA VAL A 338 20.02 -1.46 -0.50
C VAL A 338 20.94 -2.27 0.41
N THR A 339 21.01 -3.57 0.19
CA THR A 339 21.85 -4.42 1.02
C THR A 339 23.33 -4.12 0.81
N ASP A 340 23.73 -3.82 -0.43
CA ASP A 340 25.13 -3.50 -0.71
C ASP A 340 25.54 -2.25 0.07
N VAL A 341 24.67 -1.26 0.11
CA VAL A 341 24.95 -0.05 0.85
C VAL A 341 25.11 -0.37 2.33
N ILE A 342 24.24 -1.23 2.85
CA ILE A 342 24.30 -1.63 4.25
C ILE A 342 25.59 -2.38 4.54
N ILE A 343 26.00 -3.25 3.63
CA ILE A 343 27.23 -4.00 3.81
C ILE A 343 28.42 -3.02 3.81
N LYS A 344 28.43 -2.08 2.87
CA LYS A 344 29.51 -1.10 2.77
C LYS A 344 29.56 -0.19 4.00
MG MG B . 1.54 -2.84 7.66
AL ALF C . -0.47 -0.01 8.04
F1 ALF C . -1.71 1.11 7.56
F2 ALF C . -1.61 -1.34 7.83
F3 ALF C . 0.77 -1.14 8.49
F4 ALF C . 0.64 1.30 8.27
PB GDP D . 1.34 -0.58 5.43
O1B GDP D . 2.36 0.49 5.19
O2B GDP D . 1.91 -1.90 5.92
O3B GDP D . 0.09 -0.13 6.20
O3A GDP D . 0.77 -0.94 3.91
PA GDP D . 0.47 -2.34 3.28
O1A GDP D . 1.84 -3.12 2.90
O2A GDP D . -0.50 -3.19 4.00
O5' GDP D . 0.04 -1.85 1.87
C5' GDP D . -1.33 -1.40 1.60
C4' GDP D . -1.88 -1.80 0.34
O4' GDP D . -1.32 -1.24 -0.87
C3' GDP D . -1.76 -3.36 0.22
O3' GDP D . -3.09 -3.80 -0.24
C2' GDP D . -0.72 -3.55 -0.86
O2' GDP D . -0.89 -4.76 -1.54
C1' GDP D . -0.86 -2.26 -1.70
N9 GDP D . 0.51 -1.78 -2.24
C8 GDP D . 1.65 -1.60 -1.50
N7 GDP D . 2.64 -1.16 -2.27
C5 GDP D . 2.08 -1.07 -3.55
C6 GDP D . 2.68 -0.66 -4.77
O6 GDP D . 3.85 -0.28 -4.92
N1 GDP D . 1.78 -0.70 -5.87
C2 GDP D . 0.45 -1.10 -5.76
N2 GDP D . -0.32 -1.11 -6.87
N3 GDP D . -0.09 -1.49 -4.59
C4 GDP D . 0.78 -1.45 -3.55
#